data_4CY1
#
_entry.id   4CY1
#
_cell.length_a   39.760
_cell.length_b   92.450
_cell.length_c   81.170
_cell.angle_alpha   90.00
_cell.angle_beta   90.18
_cell.angle_gamma   90.00
#
_symmetry.space_group_name_H-M   'P 1 21 1'
#
loop_
_entity.id
_entity.type
_entity.pdbx_description
1 polymer 'WD REPEAT-CONTAINING PROTEIN 5'
2 polymer 'KAT8 REGULATORY NSL COMPLEX SUBUNIT 1'
3 non-polymer GLYCEROL
4 water water
#
loop_
_entity_poly.entity_id
_entity_poly.type
_entity_poly.pdbx_seq_one_letter_code
_entity_poly.pdbx_strand_id
1 'polypeptide(L)'
;MGATQSKPTPVKPNYALKFTLAGHTKAVSSVKFSPNGEWLASSSADKLIKIWGAYDGKFEKTISGHKLGISDVAWSSDSN
LLVSASDDKTLKIWDVSSGKCLKTLKGHSNYVFCCNFNPQSNLIVSGSFDESVRIWDVKTGKCLKTLPAHSDPVSAVHFN
RDGSLIVSSSYDGLCRIWDTASGQCLKTLIDDDNPPVSFVKFSPNGKYILAATLDNTLKLWDYSKGKCLKTYTGHKNEKY
CIFANFSVTGGKWIVSGSEDNLVYIWNLQTKEIVQKLQGHTDVVISTACHPTENIIASAALENDKTIKLWKSDCGA
;
A,B
2 'polypeptide(L)' DGTCVAARTRPVLSY C,D
#
# COMPACT_ATOMS: atom_id res chain seq x y z
N VAL A 11 -17.00 -31.16 -18.33
CA VAL A 11 -17.16 -29.73 -18.72
C VAL A 11 -17.76 -28.89 -17.59
N LYS A 12 -18.80 -29.42 -16.93
CA LYS A 12 -19.41 -28.76 -15.77
C LYS A 12 -19.57 -29.75 -14.62
N PRO A 13 -19.43 -29.25 -13.36
CA PRO A 13 -19.63 -30.12 -12.21
C PRO A 13 -21.11 -30.34 -11.93
N ASN A 14 -21.42 -31.31 -11.08
CA ASN A 14 -22.80 -31.62 -10.70
C ASN A 14 -22.96 -31.71 -9.18
N TYR A 15 -22.46 -30.70 -8.49
CA TYR A 15 -22.60 -30.62 -7.04
C TYR A 15 -24.05 -30.69 -6.61
N ALA A 16 -24.33 -31.61 -5.68
CA ALA A 16 -25.67 -31.79 -5.13
C ALA A 16 -25.59 -31.87 -3.61
N LEU A 17 -26.63 -31.37 -2.94
CA LEU A 17 -26.66 -31.32 -1.48
C LEU A 17 -26.74 -32.72 -0.89
N LYS A 18 -25.82 -33.02 0.03
CA LYS A 18 -25.78 -34.31 0.70
C LYS A 18 -26.14 -34.24 2.18
N PHE A 19 -25.63 -33.21 2.88
CA PHE A 19 -25.92 -33.05 4.30
C PHE A 19 -26.09 -31.59 4.67
N THR A 20 -26.98 -31.35 5.65
CA THR A 20 -27.10 -30.04 6.28
C THR A 20 -26.79 -30.19 7.77
N LEU A 21 -25.86 -29.35 8.23
CA LEU A 21 -25.31 -29.41 9.57
C LEU A 21 -25.86 -28.25 10.38
N ALA A 22 -26.71 -28.56 11.36
CA ALA A 22 -27.34 -27.56 12.21
C ALA A 22 -26.83 -27.69 13.64
N GLY A 23 -26.62 -26.57 14.31
CA GLY A 23 -26.07 -26.58 15.67
C GLY A 23 -25.70 -25.22 16.21
N HIS A 24 -25.05 -24.40 15.39
CA HIS A 24 -24.75 -23.04 15.80
C HIS A 24 -26.04 -22.24 16.01
N THR A 25 -26.05 -21.41 17.04
CA THR A 25 -27.23 -20.63 17.41
C THR A 25 -27.15 -19.17 16.95
N LYS A 26 -26.02 -18.81 16.32
CA LYS A 26 -25.85 -17.51 15.68
C LYS A 26 -25.19 -17.72 14.33
N ALA A 27 -25.12 -16.65 13.55
CA ALA A 27 -24.47 -16.67 12.24
C ALA A 27 -23.14 -17.45 12.25
N VAL A 28 -22.97 -18.32 11.26
CA VAL A 28 -21.69 -18.99 11.05
C VAL A 28 -20.78 -18.00 10.34
N SER A 29 -19.49 -18.00 10.69
CA SER A 29 -18.51 -17.09 10.08
C SER A 29 -17.54 -17.76 9.12
N SER A 30 -17.13 -18.99 9.40
CA SER A 30 -16.10 -19.65 8.60
C SER A 30 -16.18 -21.16 8.76
N VAL A 31 -15.97 -21.88 7.65
CA VAL A 31 -15.84 -23.33 7.67
C VAL A 31 -14.56 -23.74 6.94
N LYS A 32 -13.85 -24.72 7.50
CA LYS A 32 -12.58 -25.18 6.93
C LYS A 32 -12.44 -26.68 7.08
N PHE A 33 -12.02 -27.35 6.01
CA PHE A 33 -11.69 -28.78 6.07
C PHE A 33 -10.29 -28.97 6.63
N SER A 34 -10.10 -29.98 7.47
CA SER A 34 -8.76 -30.34 7.92
C SER A 34 -7.92 -30.82 6.72
N PRO A 35 -6.61 -30.52 6.72
CA PRO A 35 -5.77 -30.95 5.60
C PRO A 35 -5.82 -32.44 5.28
N ASN A 36 -6.02 -33.28 6.29
CA ASN A 36 -6.14 -34.74 6.08
C ASN A 36 -7.51 -35.18 5.56
N GLY A 37 -8.45 -34.24 5.43
CA GLY A 37 -9.74 -34.49 4.82
C GLY A 37 -10.80 -35.13 5.71
N GLU A 38 -10.45 -35.37 6.98
CA GLU A 38 -11.32 -36.12 7.88
C GLU A 38 -12.39 -35.27 8.55
N TRP A 39 -12.07 -34.01 8.82
CA TRP A 39 -12.91 -33.16 9.66
C TRP A 39 -13.26 -31.82 9.01
N LEU A 40 -14.38 -31.26 9.45
CA LEU A 40 -14.76 -29.89 9.12
C LEU A 40 -14.85 -29.11 10.42
N ALA A 41 -14.18 -27.96 10.47
CA ALA A 41 -14.29 -27.03 11.59
C ALA A 41 -15.15 -25.85 11.17
N SER A 42 -16.02 -25.40 12.07
CA SER A 42 -16.83 -24.21 11.85
C SER A 42 -16.69 -23.26 13.03
N SER A 43 -16.71 -21.97 12.74
CA SER A 43 -16.73 -20.93 13.77
C SER A 43 -17.96 -20.06 13.59
N SER A 44 -18.36 -19.38 14.66
CA SER A 44 -19.62 -18.63 14.66
C SER A 44 -19.61 -17.46 15.62
N ALA A 45 -20.55 -16.55 15.41
CA ALA A 45 -20.79 -15.44 16.33
C ALA A 45 -21.30 -15.92 17.70
N ASP A 46 -21.73 -17.18 17.80
CA ASP A 46 -22.09 -17.76 19.09
C ASP A 46 -20.89 -18.10 19.99
N LYS A 47 -19.68 -17.74 19.55
CA LYS A 47 -18.44 -17.88 20.34
C LYS A 47 -17.90 -19.32 20.37
N LEU A 48 -18.48 -20.19 19.54
CA LEU A 48 -18.12 -21.61 19.56
C LEU A 48 -17.43 -22.04 18.28
N ILE A 49 -16.58 -23.06 18.42
CA ILE A 49 -16.04 -23.81 17.29
C ILE A 49 -16.70 -25.17 17.35
N LYS A 50 -17.19 -25.66 16.23
CA LYS A 50 -17.74 -27.01 16.18
C LYS A 50 -16.99 -27.85 15.15
N ILE A 51 -16.84 -29.13 15.48
CA ILE A 51 -16.12 -30.08 14.66
C ILE A 51 -17.11 -31.11 14.15
N TRP A 52 -17.07 -31.37 12.84
CA TRP A 52 -18.01 -32.28 12.17
C TRP A 52 -17.22 -33.24 11.29
N GLY A 53 -17.81 -34.40 11.01
CA GLY A 53 -17.23 -35.33 10.04
C GLY A 53 -17.32 -34.74 8.65
N ALA A 54 -16.20 -34.73 7.93
CA ALA A 54 -16.13 -34.09 6.61
C ALA A 54 -16.96 -34.80 5.55
N TYR A 55 -17.16 -36.11 5.69
CA TYR A 55 -17.86 -36.91 4.68
C TYR A 55 -19.34 -37.13 4.98
N ASP A 56 -19.68 -37.26 6.26
CA ASP A 56 -21.08 -37.51 6.67
C ASP A 56 -21.73 -36.35 7.45
N GLY A 57 -20.96 -35.29 7.74
CA GLY A 57 -21.47 -34.15 8.47
C GLY A 57 -21.85 -34.43 9.93
N LYS A 58 -21.44 -35.57 10.46
CA LYS A 58 -21.82 -35.96 11.81
C LYS A 58 -21.12 -35.05 12.83
N PHE A 59 -21.92 -34.43 13.69
CA PHE A 59 -21.37 -33.58 14.74
C PHE A 59 -20.45 -34.37 15.66
N GLU A 60 -19.27 -33.84 15.93
CA GLU A 60 -18.31 -34.50 16.82
C GLU A 60 -18.21 -33.83 18.19
N LYS A 61 -17.85 -32.56 18.21
CA LYS A 61 -17.65 -31.84 19.47
C LYS A 61 -17.72 -30.32 19.32
N THR A 62 -17.94 -29.65 20.45
CA THR A 62 -17.93 -28.20 20.56
C THR A 62 -16.72 -27.75 21.36
N ILE A 63 -16.06 -26.71 20.88
CA ILE A 63 -14.89 -26.13 21.53
C ILE A 63 -15.21 -24.68 21.88
N SER A 64 -14.99 -24.30 23.13
CA SER A 64 -15.37 -22.96 23.62
C SER A 64 -14.27 -22.33 24.46
N GLY A 65 -14.34 -21.01 24.62
CA GLY A 65 -13.34 -20.27 25.39
C GLY A 65 -13.28 -18.78 25.09
N HIS A 66 -13.49 -18.39 23.84
CA HIS A 66 -13.49 -16.98 23.48
C HIS A 66 -14.58 -16.22 24.23
N LYS A 67 -14.30 -14.96 24.55
CA LYS A 67 -15.24 -14.11 25.30
C LYS A 67 -16.25 -13.41 24.41
N LEU A 68 -15.89 -13.23 23.13
CA LEU A 68 -16.82 -12.72 22.13
C LEU A 68 -16.81 -13.68 20.93
N GLY A 69 -17.59 -13.37 19.90
CA GLY A 69 -17.75 -14.25 18.75
C GLY A 69 -16.51 -14.38 17.90
N ILE A 70 -16.53 -15.34 16.98
CA ILE A 70 -15.37 -15.72 16.19
C ILE A 70 -15.64 -15.44 14.71
N SER A 71 -14.67 -14.82 14.04
CA SER A 71 -14.80 -14.48 12.62
C SER A 71 -14.08 -15.45 11.69
N ASP A 72 -13.13 -16.22 12.20
CA ASP A 72 -12.36 -17.13 11.35
C ASP A 72 -11.74 -18.23 12.17
N VAL A 73 -11.48 -19.36 11.52
CA VAL A 73 -10.80 -20.49 12.11
C VAL A 73 -9.93 -21.13 11.02
N ALA A 74 -8.84 -21.78 11.42
CA ALA A 74 -7.89 -22.36 10.47
C ALA A 74 -7.11 -23.52 11.08
N TRP A 75 -6.81 -24.53 10.24
CA TRP A 75 -6.15 -25.76 10.67
C TRP A 75 -4.64 -25.72 10.50
N SER A 76 -3.92 -26.38 11.41
CA SER A 76 -2.50 -26.65 11.18
C SER A 76 -2.36 -27.77 10.16
N SER A 77 -1.17 -27.89 9.59
CA SER A 77 -0.92 -28.84 8.50
CA SER A 77 -0.92 -28.84 8.50
C SER A 77 -1.05 -30.31 8.91
N ASP A 78 -0.87 -30.60 10.20
CA ASP A 78 -1.01 -31.97 10.69
C ASP A 78 -2.45 -32.31 11.16
N SER A 79 -3.38 -31.36 10.95
CA SER A 79 -4.79 -31.52 11.30
C SER A 79 -5.05 -31.67 12.81
N ASN A 80 -4.08 -31.27 13.63
CA ASN A 80 -4.19 -31.42 15.08
C ASN A 80 -4.58 -30.12 15.79
N LEU A 81 -4.09 -28.99 15.30
CA LEU A 81 -4.36 -27.70 15.92
C LEU A 81 -5.31 -26.84 15.10
N LEU A 82 -6.04 -25.98 15.79
CA LEU A 82 -6.84 -24.93 15.18
C LEU A 82 -6.40 -23.59 15.76
N VAL A 83 -6.53 -22.54 14.96
CA VAL A 83 -6.44 -21.17 15.47
C VAL A 83 -7.72 -20.44 15.12
N SER A 84 -8.18 -19.58 16.02
CA SER A 84 -9.41 -18.83 15.82
C SER A 84 -9.18 -17.34 16.05
N ALA A 85 -9.94 -16.50 15.35
CA ALA A 85 -9.84 -15.05 15.44
C ALA A 85 -11.15 -14.47 15.93
N SER A 86 -11.10 -13.65 16.99
CA SER A 86 -12.30 -13.22 17.70
C SER A 86 -12.41 -11.71 17.88
N ASP A 87 -13.65 -11.24 18.04
CA ASP A 87 -13.93 -9.85 18.40
C ASP A 87 -13.35 -9.47 19.78
N ASP A 88 -13.01 -10.45 20.60
CA ASP A 88 -12.38 -10.18 21.90
C ASP A 88 -10.91 -9.75 21.79
N LYS A 89 -10.45 -9.50 20.56
CA LYS A 89 -9.13 -8.96 20.26
C LYS A 89 -8.00 -10.00 20.37
N THR A 90 -8.36 -11.26 20.57
CA THR A 90 -7.36 -12.33 20.68
C THR A 90 -7.52 -13.38 19.60
N LEU A 91 -6.47 -14.16 19.40
CA LEU A 91 -6.58 -15.45 18.75
C LEU A 91 -6.35 -16.51 19.81
N LYS A 92 -6.89 -17.70 19.58
CA LYS A 92 -6.63 -18.83 20.46
C LYS A 92 -6.15 -20.01 19.63
N ILE A 93 -5.15 -20.71 20.14
CA ILE A 93 -4.66 -21.93 19.53
C ILE A 93 -5.28 -23.09 20.29
N TRP A 94 -5.90 -24.01 19.57
CA TRP A 94 -6.64 -25.12 20.18
C TRP A 94 -6.01 -26.45 19.82
N ASP A 95 -6.01 -27.37 20.78
CA ASP A 95 -5.75 -28.78 20.52
C ASP A 95 -7.12 -29.40 20.25
N VAL A 96 -7.38 -29.74 18.99
CA VAL A 96 -8.70 -30.25 18.59
C VAL A 96 -9.05 -31.55 19.29
N SER A 97 -8.06 -32.42 19.45
CA SER A 97 -8.28 -33.74 20.04
C SER A 97 -8.67 -33.66 21.52
N SER A 98 -8.16 -32.65 22.24
CA SER A 98 -8.48 -32.46 23.66
C SER A 98 -9.56 -31.39 23.88
N GLY A 99 -9.76 -30.51 22.89
CA GLY A 99 -10.64 -29.37 23.04
C GLY A 99 -10.04 -28.21 23.84
N LYS A 100 -8.76 -28.34 24.20
CA LYS A 100 -8.12 -27.39 25.10
C LYS A 100 -7.58 -26.18 24.36
N CYS A 101 -7.68 -25.00 24.97
CA CYS A 101 -6.97 -23.82 24.50
C CYS A 101 -5.52 -23.92 24.97
N LEU A 102 -4.60 -24.04 24.02
CA LEU A 102 -3.17 -24.13 24.34
C LEU A 102 -2.56 -22.77 24.61
N LYS A 103 -2.90 -21.78 23.77
CA LYS A 103 -2.36 -20.44 23.88
C LYS A 103 -3.42 -19.40 23.51
N THR A 104 -3.34 -18.24 24.15
CA THR A 104 -4.14 -17.08 23.77
C THR A 104 -3.19 -16.00 23.28
N LEU A 105 -3.34 -15.62 22.00
CA LEU A 105 -2.46 -14.67 21.34
C LEU A 105 -3.00 -13.26 21.50
N LYS A 106 -2.32 -12.47 22.33
CA LYS A 106 -2.74 -11.10 22.65
C LYS A 106 -1.78 -10.09 22.07
N GLY A 107 -2.33 -8.96 21.61
CA GLY A 107 -1.52 -7.91 20.99
C GLY A 107 -2.31 -6.98 20.09
N HIS A 108 -3.27 -7.55 19.34
CA HIS A 108 -4.15 -6.72 18.51
C HIS A 108 -4.96 -5.78 19.38
N SER A 109 -5.22 -4.58 18.87
CA SER A 109 -5.97 -3.56 19.62
C SER A 109 -7.42 -3.44 19.16
N ASN A 110 -7.86 -4.35 18.30
CA ASN A 110 -9.24 -4.36 17.81
C ASN A 110 -9.58 -5.78 17.34
N TYR A 111 -10.80 -5.97 16.83
CA TYR A 111 -11.26 -7.29 16.39
C TYR A 111 -10.22 -8.00 15.55
N VAL A 112 -9.97 -9.28 15.84
CA VAL A 112 -9.16 -10.10 14.95
C VAL A 112 -10.12 -10.77 13.97
N PHE A 113 -9.82 -10.62 12.68
CA PHE A 113 -10.78 -10.94 11.61
C PHE A 113 -10.43 -12.21 10.83
N CYS A 114 -9.14 -12.47 10.66
CA CYS A 114 -8.68 -13.55 9.80
C CYS A 114 -7.41 -14.16 10.36
N CYS A 115 -7.17 -15.43 10.03
CA CYS A 115 -6.00 -16.15 10.54
C CYS A 115 -5.64 -17.36 9.69
N ASN A 116 -4.38 -17.76 9.76
CA ASN A 116 -3.89 -18.94 9.06
C ASN A 116 -2.55 -19.41 9.62
N PHE A 117 -2.34 -20.72 9.59
CA PHE A 117 -1.03 -21.30 9.85
C PHE A 117 -0.20 -21.25 8.57
N ASN A 118 1.12 -21.27 8.70
CA ASN A 118 1.98 -21.53 7.54
C ASN A 118 2.05 -23.06 7.33
N PRO A 119 2.55 -23.51 6.17
CA PRO A 119 2.62 -24.96 5.90
C PRO A 119 3.43 -25.76 6.92
N GLN A 120 4.53 -25.21 7.41
CA GLN A 120 5.30 -25.83 8.48
C GLN A 120 4.50 -25.84 9.80
N SER A 121 3.62 -24.86 9.93
CA SER A 121 2.72 -24.69 11.09
C SER A 121 3.44 -24.36 12.39
N ASN A 122 4.63 -23.76 12.27
CA ASN A 122 5.32 -23.15 13.40
C ASN A 122 4.93 -21.67 13.55
N LEU A 123 4.28 -21.11 12.53
CA LEU A 123 3.83 -19.72 12.56
C LEU A 123 2.32 -19.59 12.32
N ILE A 124 1.75 -18.54 12.88
CA ILE A 124 0.38 -18.12 12.57
C ILE A 124 0.42 -16.67 12.09
N VAL A 125 -0.37 -16.35 11.07
CA VAL A 125 -0.55 -14.98 10.62
C VAL A 125 -1.98 -14.54 10.94
N SER A 126 -2.15 -13.28 11.33
CA SER A 126 -3.46 -12.74 11.68
C SER A 126 -3.65 -11.34 11.12
N GLY A 127 -4.90 -11.00 10.82
CA GLY A 127 -5.27 -9.66 10.38
C GLY A 127 -6.37 -9.14 11.26
N SER A 128 -6.37 -7.82 11.48
CA SER A 128 -7.26 -7.20 12.46
C SER A 128 -7.86 -5.89 11.96
N PHE A 129 -8.94 -5.47 12.62
CA PHE A 129 -9.50 -4.13 12.42
C PHE A 129 -8.52 -3.03 12.84
N ASP A 130 -7.51 -3.37 13.64
CA ASP A 130 -6.45 -2.41 14.00
C ASP A 130 -5.49 -2.11 12.82
N GLU A 131 -5.74 -2.73 11.67
CA GLU A 131 -5.09 -2.41 10.40
C GLU A 131 -3.71 -3.06 10.24
N SER A 132 -3.35 -3.92 11.19
CA SER A 132 -2.05 -4.59 11.19
C SER A 132 -2.17 -6.06 10.81
N VAL A 133 -1.04 -6.61 10.36
CA VAL A 133 -0.86 -8.05 10.23
C VAL A 133 0.18 -8.46 11.26
N ARG A 134 -0.12 -9.49 12.04
CA ARG A 134 0.82 -10.01 13.03
C ARG A 134 1.25 -11.42 12.69
N ILE A 135 2.52 -11.73 12.98
CA ILE A 135 3.06 -13.06 12.80
C ILE A 135 3.43 -13.61 14.17
N TRP A 136 2.88 -14.77 14.51
CA TRP A 136 2.98 -15.32 15.85
C TRP A 136 3.75 -16.63 15.84
N ASP A 137 4.48 -16.89 16.92
CA ASP A 137 5.13 -18.17 17.13
C ASP A 137 4.15 -19.15 17.76
N VAL A 138 3.91 -20.28 17.11
CA VAL A 138 2.92 -21.25 17.58
C VAL A 138 3.33 -21.88 18.92
N LYS A 139 4.61 -22.21 19.06
CA LYS A 139 5.14 -22.88 20.26
C LYS A 139 5.00 -22.02 21.51
N THR A 140 5.45 -20.77 21.43
CA THR A 140 5.47 -19.86 22.58
C THR A 140 4.22 -18.97 22.68
N GLY A 141 3.54 -18.76 21.55
CA GLY A 141 2.40 -17.85 21.49
C GLY A 141 2.79 -16.38 21.44
N LYS A 142 4.08 -16.12 21.19
CA LYS A 142 4.60 -14.75 21.16
C LYS A 142 4.43 -14.13 19.79
N CYS A 143 4.17 -12.82 19.77
CA CYS A 143 4.12 -12.07 18.52
C CYS A 143 5.56 -11.78 18.07
N LEU A 144 5.93 -12.31 16.91
CA LEU A 144 7.28 -12.14 16.39
C LEU A 144 7.42 -10.84 15.61
N LYS A 145 6.39 -10.51 14.82
CA LYS A 145 6.39 -9.28 14.04
C LYS A 145 5.01 -8.66 13.96
N THR A 146 4.97 -7.33 13.98
CA THR A 146 3.76 -6.56 13.71
C THR A 146 4.02 -5.73 12.46
N LEU A 147 3.27 -6.00 11.40
CA LEU A 147 3.43 -5.30 10.13
C LEU A 147 2.41 -4.17 10.04
N PRO A 148 2.86 -2.95 9.69
CA PRO A 148 1.95 -1.82 9.49
C PRO A 148 1.29 -1.95 8.11
N ALA A 149 0.50 -3.01 7.96
CA ALA A 149 0.19 -3.56 6.64
C ALA A 149 -0.72 -2.70 5.80
N HIS A 150 -1.72 -2.08 6.44
CA HIS A 150 -2.78 -1.39 5.72
C HIS A 150 -3.28 -0.14 6.46
N SER A 151 -4.12 0.64 5.80
CA SER A 151 -4.71 1.84 6.39
C SER A 151 -6.21 1.66 6.65
N ASP A 152 -6.65 0.41 6.75
CA ASP A 152 -8.04 0.05 7.00
C ASP A 152 -8.04 -1.39 7.50
N PRO A 153 -9.20 -1.91 7.95
CA PRO A 153 -9.24 -3.29 8.41
C PRO A 153 -8.65 -4.30 7.43
N VAL A 154 -7.95 -5.29 7.98
CA VAL A 154 -7.32 -6.36 7.21
C VAL A 154 -8.31 -7.52 7.09
N SER A 155 -8.81 -7.76 5.87
CA SER A 155 -9.89 -8.72 5.65
C SER A 155 -9.44 -10.18 5.51
N ALA A 156 -8.20 -10.39 5.07
CA ALA A 156 -7.68 -11.74 4.88
C ALA A 156 -6.15 -11.78 4.92
N VAL A 157 -5.63 -12.92 5.38
CA VAL A 157 -4.20 -13.21 5.39
C VAL A 157 -3.99 -14.68 5.05
N HIS A 158 -2.95 -14.98 4.28
CA HIS A 158 -2.70 -16.34 3.81
C HIS A 158 -1.22 -16.54 3.49
N PHE A 159 -0.68 -17.71 3.83
CA PHE A 159 0.68 -18.08 3.45
C PHE A 159 0.69 -18.80 2.11
N ASN A 160 1.80 -18.66 1.38
CA ASN A 160 2.00 -19.42 0.14
C ASN A 160 2.50 -20.84 0.42
N ARG A 161 2.72 -21.62 -0.64
CA ARG A 161 2.98 -23.06 -0.50
C ARG A 161 4.21 -23.45 0.36
N ASP A 162 5.24 -22.60 0.37
CA ASP A 162 6.45 -22.88 1.17
C ASP A 162 6.58 -21.97 2.40
N GLY A 163 5.55 -21.16 2.67
CA GLY A 163 5.54 -20.28 3.84
C GLY A 163 6.43 -19.05 3.76
N SER A 164 7.08 -18.84 2.61
CA SER A 164 8.03 -17.74 2.46
C SER A 164 7.33 -16.40 2.25
N LEU A 165 6.08 -16.44 1.79
CA LEU A 165 5.30 -15.23 1.53
C LEU A 165 3.97 -15.22 2.28
N ILE A 166 3.50 -14.02 2.59
CA ILE A 166 2.17 -13.80 3.10
C ILE A 166 1.46 -12.83 2.17
N VAL A 167 0.20 -13.10 1.86
CA VAL A 167 -0.64 -12.13 1.14
C VAL A 167 -1.70 -11.60 2.09
N SER A 168 -1.89 -10.28 2.07
CA SER A 168 -2.90 -9.63 2.90
C SER A 168 -3.80 -8.76 2.04
N SER A 169 -5.04 -8.60 2.48
CA SER A 169 -6.00 -7.74 1.80
C SER A 169 -6.70 -6.83 2.81
N SER A 170 -7.24 -5.72 2.33
CA SER A 170 -7.84 -4.72 3.21
C SER A 170 -8.90 -3.88 2.51
N TYR A 171 -9.75 -3.26 3.33
CA TYR A 171 -10.74 -2.32 2.82
C TYR A 171 -10.11 -1.06 2.21
N ASP A 172 -8.81 -0.86 2.44
CA ASP A 172 -8.07 0.23 1.79
C ASP A 172 -7.92 0.02 0.26
N GLY A 173 -8.32 -1.15 -0.23
CA GLY A 173 -8.33 -1.43 -1.65
C GLY A 173 -7.08 -2.13 -2.16
N LEU A 174 -6.19 -2.50 -1.24
CA LEU A 174 -4.90 -3.07 -1.61
C LEU A 174 -4.80 -4.54 -1.25
N CYS A 175 -4.06 -5.28 -2.07
CA CYS A 175 -3.46 -6.54 -1.67
C CYS A 175 -1.96 -6.31 -1.57
N ARG A 176 -1.34 -6.91 -0.56
CA ARG A 176 0.11 -6.79 -0.38
C ARG A 176 0.75 -8.14 -0.16
N ILE A 177 1.94 -8.32 -0.73
CA ILE A 177 2.73 -9.53 -0.57
C ILE A 177 3.90 -9.22 0.36
N TRP A 178 4.07 -10.04 1.39
CA TRP A 178 5.07 -9.82 2.44
C TRP A 178 6.05 -10.97 2.52
N ASP A 179 7.32 -10.64 2.70
CA ASP A 179 8.35 -11.63 3.01
C ASP A 179 8.17 -12.06 4.46
N THR A 180 7.91 -13.34 4.68
CA THR A 180 7.68 -13.87 6.03
C THR A 180 8.87 -13.66 6.95
N ALA A 181 10.07 -13.94 6.45
CA ALA A 181 11.29 -13.89 7.27
C ALA A 181 11.64 -12.48 7.75
N SER A 182 11.56 -11.50 6.85
CA SER A 182 11.96 -10.12 7.16
C SER A 182 10.79 -9.19 7.49
N GLY A 183 9.59 -9.54 7.02
CA GLY A 183 8.42 -8.69 7.19
C GLY A 183 8.37 -7.53 6.20
N GLN A 184 9.25 -7.54 5.20
CA GLN A 184 9.27 -6.48 4.19
C GLN A 184 8.12 -6.67 3.20
N CYS A 185 7.49 -5.57 2.82
CA CYS A 185 6.50 -5.58 1.75
C CYS A 185 7.20 -5.74 0.41
N LEU A 186 6.90 -6.81 -0.32
CA LEU A 186 7.52 -7.09 -1.61
C LEU A 186 6.66 -6.63 -2.79
N LYS A 187 5.38 -6.38 -2.57
CA LYS A 187 4.48 -6.01 -3.65
C LYS A 187 3.21 -5.37 -3.09
N THR A 188 2.75 -4.32 -3.78
CA THR A 188 1.41 -3.79 -3.55
C THR A 188 0.68 -3.88 -4.89
N LEU A 189 -0.45 -4.57 -4.90
CA LEU A 189 -1.22 -4.75 -6.12
C LEU A 189 -2.27 -3.65 -6.24
N ILE A 190 -2.25 -2.95 -7.36
CA ILE A 190 -3.15 -1.84 -7.61
C ILE A 190 -3.80 -2.02 -8.97
N ASP A 191 -5.14 -1.97 -8.97
CA ASP A 191 -5.92 -2.08 -10.19
C ASP A 191 -6.27 -0.69 -10.68
N ASP A 192 -7.04 -0.60 -11.77
CA ASP A 192 -7.52 0.67 -12.29
C ASP A 192 -8.48 1.34 -11.32
N ASN A 194 -9.96 1.17 -6.83
CA ASN A 194 -9.49 0.72 -5.53
C ASN A 194 -10.64 0.31 -4.59
N PRO A 195 -11.56 -0.55 -5.07
CA PRO A 195 -12.66 -0.95 -4.19
C PRO A 195 -12.15 -1.78 -3.01
N PRO A 196 -12.84 -1.74 -1.86
CA PRO A 196 -12.42 -2.54 -0.71
C PRO A 196 -12.18 -4.00 -1.10
N VAL A 197 -11.05 -4.55 -0.68
CA VAL A 197 -10.73 -5.95 -0.93
C VAL A 197 -11.18 -6.75 0.29
N SER A 198 -12.11 -7.68 0.07
CA SER A 198 -12.78 -8.38 1.16
C SER A 198 -12.24 -9.79 1.40
N PHE A 199 -11.44 -10.32 0.48
CA PHE A 199 -10.81 -11.62 0.66
C PHE A 199 -9.64 -11.80 -0.31
N VAL A 200 -8.64 -12.56 0.10
CA VAL A 200 -7.54 -12.94 -0.78
C VAL A 200 -6.89 -14.24 -0.31
N LYS A 201 -6.38 -15.02 -1.25
CA LYS A 201 -5.57 -16.20 -0.96
C LYS A 201 -4.73 -16.61 -2.17
N PHE A 202 -3.57 -17.20 -1.90
CA PHE A 202 -2.76 -17.86 -2.92
C PHE A 202 -3.48 -19.07 -3.51
N SER A 203 -3.21 -19.35 -4.78
CA SER A 203 -3.63 -20.59 -5.40
C SER A 203 -2.81 -21.74 -4.81
N PRO A 204 -3.36 -22.98 -4.85
CA PRO A 204 -2.61 -24.13 -4.32
C PRO A 204 -1.24 -24.35 -4.98
N ASN A 205 -1.14 -24.09 -6.28
CA ASN A 205 0.13 -24.21 -7.01
C ASN A 205 1.06 -23.00 -6.83
N GLY A 206 0.56 -21.97 -6.15
CA GLY A 206 1.39 -20.85 -5.71
C GLY A 206 1.60 -19.73 -6.71
N LYS A 207 1.12 -19.90 -7.94
CA LYS A 207 1.43 -18.95 -9.01
C LYS A 207 0.42 -17.81 -9.16
N TYR A 208 -0.70 -17.88 -8.44
CA TYR A 208 -1.71 -16.82 -8.46
C TYR A 208 -2.14 -16.42 -7.06
N ILE A 209 -2.77 -15.26 -6.95
CA ILE A 209 -3.68 -14.98 -5.84
C ILE A 209 -5.08 -14.73 -6.39
N LEU A 210 -6.09 -15.09 -5.59
CA LEU A 210 -7.48 -14.85 -5.93
C LEU A 210 -7.99 -13.80 -4.95
N ALA A 211 -8.49 -12.68 -5.47
CA ALA A 211 -8.92 -11.57 -4.64
C ALA A 211 -10.38 -11.22 -4.89
N ALA A 212 -11.13 -11.04 -3.80
CA ALA A 212 -12.52 -10.60 -3.87
C ALA A 212 -12.60 -9.12 -3.50
N THR A 213 -13.39 -8.36 -4.26
CA THR A 213 -13.65 -6.96 -3.95
C THR A 213 -15.14 -6.70 -3.81
N LEU A 214 -15.50 -5.68 -3.01
CA LEU A 214 -16.91 -5.40 -2.71
C LEU A 214 -17.61 -4.61 -3.82
N ASP A 215 -17.26 -4.94 -5.07
CA ASP A 215 -17.97 -4.47 -6.25
C ASP A 215 -18.43 -5.68 -7.07
N ASN A 216 -18.76 -6.78 -6.37
CA ASN A 216 -19.27 -8.00 -6.99
C ASN A 216 -18.29 -8.64 -7.97
N THR A 217 -17.00 -8.65 -7.61
CA THR A 217 -15.96 -9.13 -8.51
C THR A 217 -14.90 -9.96 -7.79
N LEU A 218 -14.55 -11.09 -8.40
CA LEU A 218 -13.38 -11.87 -8.02
C LEU A 218 -12.33 -11.70 -9.11
N LYS A 219 -11.06 -11.63 -8.73
CA LYS A 219 -9.98 -11.43 -9.68
C LYS A 219 -8.81 -12.37 -9.43
N LEU A 220 -8.33 -12.98 -10.51
CA LEU A 220 -7.14 -13.84 -10.45
C LEU A 220 -5.94 -13.00 -10.90
N TRP A 221 -4.94 -12.90 -10.04
CA TRP A 221 -3.76 -12.06 -10.30
C TRP A 221 -2.49 -12.90 -10.41
N ASP A 222 -1.65 -12.52 -11.37
CA ASP A 222 -0.24 -12.86 -11.35
C ASP A 222 0.41 -11.80 -10.47
N TYR A 223 0.75 -12.19 -9.24
CA TYR A 223 1.26 -11.24 -8.25
C TYR A 223 2.73 -10.87 -8.44
N SER A 224 3.44 -11.64 -9.26
CA SER A 224 4.81 -11.31 -9.64
C SER A 224 4.82 -10.18 -10.66
N LYS A 225 4.04 -10.35 -11.73
CA LYS A 225 3.89 -9.32 -12.76
C LYS A 225 3.04 -8.15 -12.27
N GLY A 226 2.17 -8.41 -11.30
CA GLY A 226 1.22 -7.40 -10.83
C GLY A 226 0.15 -7.13 -11.88
N LYS A 227 -0.38 -8.22 -12.43
CA LYS A 227 -1.31 -8.15 -13.56
C LYS A 227 -2.52 -9.05 -13.31
N CYS A 228 -3.70 -8.54 -13.66
CA CYS A 228 -4.94 -9.30 -13.54
C CYS A 228 -5.13 -10.20 -14.77
N LEU A 229 -5.28 -11.50 -14.53
CA LEU A 229 -5.41 -12.49 -15.59
C LEU A 229 -6.86 -12.80 -15.92
N LYS A 230 -7.65 -13.07 -14.88
CA LYS A 230 -9.06 -13.43 -15.02
C LYS A 230 -9.91 -12.64 -14.05
N THR A 231 -11.18 -12.43 -14.40
CA THR A 231 -12.17 -11.89 -13.46
C THR A 231 -13.41 -12.76 -13.51
N TYR A 232 -14.10 -12.87 -12.37
CA TYR A 232 -15.30 -13.69 -12.25
C TYR A 232 -16.43 -12.86 -11.66
N THR A 233 -17.57 -12.84 -12.34
CA THR A 233 -18.71 -12.02 -11.94
C THR A 233 -20.01 -12.79 -12.10
N GLY A 234 -21.11 -12.18 -11.65
CA GLY A 234 -22.45 -12.77 -11.72
C GLY A 234 -23.06 -12.97 -10.35
N HIS A 235 -22.20 -13.01 -9.32
CA HIS A 235 -22.61 -13.16 -7.93
C HIS A 235 -22.80 -11.80 -7.26
N LYS A 236 -23.29 -11.81 -6.03
CA LYS A 236 -23.49 -10.58 -5.26
C LYS A 236 -22.53 -10.53 -4.09
N ASN A 237 -21.72 -9.47 -4.04
CA ASN A 237 -20.77 -9.28 -2.95
C ASN A 237 -20.38 -7.81 -2.82
N GLU A 238 -21.15 -7.08 -2.01
CA GLU A 238 -20.88 -5.67 -1.71
C GLU A 238 -20.78 -5.35 -0.21
N LYS A 239 -21.07 -6.32 0.66
CA LYS A 239 -21.21 -6.05 2.09
C LYS A 239 -20.37 -6.92 3.02
N TYR A 240 -20.08 -8.16 2.62
CA TYR A 240 -19.44 -9.13 3.51
C TYR A 240 -18.12 -9.66 2.96
N CYS A 241 -17.27 -10.10 3.87
CA CYS A 241 -16.01 -10.73 3.51
C CYS A 241 -16.24 -12.22 3.31
N ILE A 242 -16.65 -12.55 2.09
CA ILE A 242 -17.01 -13.91 1.72
C ILE A 242 -15.78 -14.67 1.22
N PHE A 243 -15.57 -15.86 1.76
CA PHE A 243 -14.44 -16.71 1.36
C PHE A 243 -14.63 -17.18 -0.07
N ALA A 244 -13.53 -17.28 -0.81
CA ALA A 244 -13.50 -17.85 -2.15
C ALA A 244 -12.42 -18.92 -2.19
N ASN A 245 -12.52 -19.84 -3.14
CA ASN A 245 -11.63 -21.00 -3.19
C ASN A 245 -11.29 -21.41 -4.60
N PHE A 246 -10.14 -22.08 -4.72
CA PHE A 246 -9.81 -22.87 -5.88
C PHE A 246 -10.28 -24.30 -5.61
N SER A 247 -11.02 -24.86 -6.56
CA SER A 247 -11.39 -26.27 -6.52
C SER A 247 -10.57 -27.00 -7.58
N VAL A 248 -9.71 -27.92 -7.16
CA VAL A 248 -8.77 -28.57 -8.07
C VAL A 248 -8.68 -30.10 -7.92
N THR A 249 -9.64 -30.71 -7.22
CA THR A 249 -9.66 -32.16 -7.05
C THR A 249 -10.19 -32.87 -8.30
N GLY A 250 -11.09 -32.21 -9.02
CA GLY A 250 -11.61 -32.72 -10.28
C GLY A 250 -11.34 -31.71 -11.39
N GLY A 251 -12.39 -31.09 -11.90
CA GLY A 251 -12.25 -29.97 -12.83
C GLY A 251 -11.70 -28.75 -12.09
N LYS A 252 -11.21 -27.77 -12.84
CA LYS A 252 -10.63 -26.57 -12.24
C LYS A 252 -11.66 -25.47 -12.12
N TRP A 253 -12.14 -25.24 -10.90
CA TRP A 253 -13.19 -24.26 -10.66
C TRP A 253 -12.76 -23.19 -9.67
N ILE A 254 -13.46 -22.06 -9.73
CA ILE A 254 -13.47 -21.07 -8.67
C ILE A 254 -14.81 -21.21 -7.96
N VAL A 255 -14.76 -21.20 -6.63
CA VAL A 255 -15.96 -21.37 -5.80
C VAL A 255 -16.05 -20.19 -4.84
N SER A 256 -17.27 -19.65 -4.68
CA SER A 256 -17.51 -18.55 -3.75
C SER A 256 -18.95 -18.53 -3.27
N GLY A 257 -19.14 -18.03 -2.06
CA GLY A 257 -20.47 -17.70 -1.57
C GLY A 257 -20.97 -16.40 -2.21
N SER A 258 -22.18 -16.00 -1.84
CA SER A 258 -22.81 -14.82 -2.44
C SER A 258 -23.89 -14.28 -1.51
N GLU A 259 -24.19 -13.00 -1.66
CA GLU A 259 -25.19 -12.33 -0.83
C GLU A 259 -26.62 -12.54 -1.32
N ASP A 260 -26.78 -13.28 -2.43
CA ASP A 260 -28.10 -13.75 -2.86
C ASP A 260 -28.39 -15.19 -2.40
N ASN A 261 -27.59 -15.67 -1.44
CA ASN A 261 -27.80 -16.97 -0.77
C ASN A 261 -27.37 -18.21 -1.57
N LEU A 262 -26.66 -18.01 -2.68
CA LEU A 262 -26.22 -19.12 -3.53
C LEU A 262 -24.72 -19.33 -3.43
N VAL A 263 -24.28 -20.57 -3.68
CA VAL A 263 -22.87 -20.86 -3.90
C VAL A 263 -22.64 -20.79 -5.41
N TYR A 264 -21.70 -19.96 -5.83
CA TYR A 264 -21.35 -19.83 -7.24
C TYR A 264 -20.11 -20.64 -7.56
N ILE A 265 -20.12 -21.30 -8.72
CA ILE A 265 -18.97 -22.04 -9.22
C ILE A 265 -18.69 -21.57 -10.65
N TRP A 266 -17.44 -21.16 -10.89
CA TRP A 266 -17.00 -20.72 -12.21
C TRP A 266 -15.96 -21.68 -12.79
N ASN A 267 -15.93 -21.77 -14.11
CA ASN A 267 -14.81 -22.38 -14.82
C ASN A 267 -13.62 -21.42 -14.72
N LEU A 268 -12.52 -21.90 -14.13
CA LEU A 268 -11.35 -21.06 -13.85
C LEU A 268 -10.79 -20.42 -15.13
N GLN A 269 -10.65 -21.22 -16.18
CA GLN A 269 -10.05 -20.76 -17.44
C GLN A 269 -10.99 -19.83 -18.24
N THR A 270 -12.23 -20.28 -18.46
CA THR A 270 -13.17 -19.55 -19.32
C THR A 270 -13.94 -18.45 -18.59
N LYS A 271 -14.00 -18.54 -17.26
CA LYS A 271 -14.69 -17.56 -16.40
C LYS A 271 -16.22 -17.66 -16.46
N GLU A 272 -16.73 -18.71 -17.10
CA GLU A 272 -18.17 -18.92 -17.21
C GLU A 272 -18.70 -19.53 -15.91
N ILE A 273 -19.88 -19.09 -15.48
CA ILE A 273 -20.58 -19.73 -14.37
C ILE A 273 -21.05 -21.10 -14.83
N VAL A 274 -20.70 -22.13 -14.06
CA VAL A 274 -21.05 -23.51 -14.39
C VAL A 274 -22.10 -24.11 -13.45
N GLN A 275 -22.18 -23.60 -12.21
CA GLN A 275 -23.21 -24.02 -11.27
C GLN A 275 -23.55 -22.94 -10.26
N LYS A 276 -24.82 -22.93 -9.84
CA LYS A 276 -25.30 -22.11 -8.73
C LYS A 276 -26.07 -23.00 -7.77
N LEU A 277 -25.51 -23.22 -6.58
CA LEU A 277 -26.08 -24.18 -5.62
C LEU A 277 -27.09 -23.48 -4.72
N GLN A 278 -28.35 -23.93 -4.78
CA GLN A 278 -29.44 -23.35 -4.00
C GLN A 278 -29.76 -24.19 -2.77
N GLY A 279 -30.06 -23.52 -1.66
CA GLY A 279 -30.39 -24.22 -0.41
C GLY A 279 -30.33 -23.32 0.81
N HIS A 280 -29.30 -22.48 0.90
CA HIS A 280 -29.18 -21.55 2.02
C HIS A 280 -30.27 -20.47 1.95
N THR A 281 -30.62 -19.94 3.11
CA THR A 281 -31.68 -18.94 3.23
C THR A 281 -31.14 -17.57 3.68
N ASP A 282 -29.82 -17.44 3.74
CA ASP A 282 -29.17 -16.17 4.03
C ASP A 282 -27.83 -16.15 3.32
N VAL A 283 -27.13 -15.01 3.41
CA VAL A 283 -25.83 -14.81 2.77
C VAL A 283 -24.92 -16.00 3.04
N VAL A 284 -24.32 -16.55 1.98
CA VAL A 284 -23.34 -17.62 2.12
C VAL A 284 -21.97 -16.96 2.35
N ILE A 285 -21.63 -16.83 3.63
CA ILE A 285 -20.42 -16.12 4.06
C ILE A 285 -19.15 -16.92 3.78
N SER A 286 -19.24 -18.25 3.81
CA SER A 286 -18.06 -19.10 3.74
C SER A 286 -18.29 -20.32 2.85
N THR A 287 -17.28 -20.63 2.03
CA THR A 287 -17.21 -21.89 1.31
C THR A 287 -15.81 -22.45 1.50
N ALA A 288 -15.71 -23.77 1.48
CA ALA A 288 -14.42 -24.46 1.55
C ALA A 288 -14.45 -25.68 0.64
N CYS A 289 -13.31 -25.97 0.02
CA CYS A 289 -13.18 -27.11 -0.88
C CYS A 289 -12.32 -28.20 -0.24
N HIS A 290 -12.82 -29.42 -0.26
CA HIS A 290 -12.17 -30.57 0.38
C HIS A 290 -10.82 -30.86 -0.31
N PRO A 291 -9.79 -31.28 0.45
CA PRO A 291 -8.45 -31.44 -0.13
C PRO A 291 -8.28 -32.58 -1.16
N THR A 292 -8.94 -33.72 -0.95
CA THR A 292 -8.80 -34.89 -1.84
C THR A 292 -10.02 -35.28 -2.67
N GLU A 293 -11.21 -34.82 -2.27
CA GLU A 293 -12.48 -35.23 -2.87
C GLU A 293 -13.22 -34.01 -3.41
N ASN A 294 -14.17 -34.26 -4.33
CA ASN A 294 -14.99 -33.20 -4.89
C ASN A 294 -16.15 -32.88 -3.95
N ILE A 295 -15.82 -32.20 -2.85
CA ILE A 295 -16.78 -31.84 -1.80
C ILE A 295 -16.64 -30.36 -1.46
N ILE A 296 -17.76 -29.66 -1.40
CA ILE A 296 -17.78 -28.26 -0.97
C ILE A 296 -18.55 -28.17 0.34
N ALA A 297 -18.00 -27.42 1.30
CA ALA A 297 -18.74 -27.03 2.49
C ALA A 297 -19.11 -25.56 2.34
N SER A 298 -20.34 -25.22 2.72
CA SER A 298 -20.81 -23.84 2.69
C SER A 298 -21.51 -23.51 4.00
N ALA A 299 -21.49 -22.23 4.38
CA ALA A 299 -22.13 -21.80 5.61
C ALA A 299 -22.74 -20.41 5.45
N ALA A 300 -23.80 -20.16 6.22
CA ALA A 300 -24.60 -18.96 6.05
C ALA A 300 -24.78 -18.17 7.34
N LEU A 301 -25.27 -16.94 7.17
CA LEU A 301 -25.37 -15.96 8.25
C LEU A 301 -26.64 -16.14 9.12
N GLU A 302 -26.94 -15.12 9.94
CA GLU A 302 -27.88 -15.20 11.06
C GLU A 302 -29.26 -15.80 10.79
N ASN A 303 -29.84 -15.53 9.63
CA ASN A 303 -31.19 -16.01 9.32
C ASN A 303 -31.23 -17.47 8.87
N ASP A 304 -30.06 -18.08 8.72
CA ASP A 304 -29.94 -19.48 8.28
C ASP A 304 -29.19 -20.29 9.35
N LYS A 305 -27.90 -19.97 9.52
CA LYS A 305 -27.03 -20.58 10.55
C LYS A 305 -26.67 -22.07 10.33
N THR A 306 -27.01 -22.62 9.16
CA THR A 306 -26.65 -23.99 8.84
C THR A 306 -25.43 -24.06 7.92
N ILE A 307 -24.80 -25.23 7.95
CA ILE A 307 -23.65 -25.54 7.12
C ILE A 307 -24.11 -26.65 6.19
N LYS A 308 -23.67 -26.62 4.93
CA LYS A 308 -24.08 -27.63 3.96
C LYS A 308 -22.89 -28.28 3.29
N LEU A 309 -22.99 -29.60 3.08
CA LEU A 309 -21.98 -30.36 2.35
C LEU A 309 -22.55 -30.77 0.99
N TRP A 310 -21.85 -30.40 -0.08
CA TRP A 310 -22.26 -30.69 -1.45
C TRP A 310 -21.20 -31.58 -2.09
N LYS A 311 -21.64 -32.54 -2.91
CA LYS A 311 -20.71 -33.47 -3.57
C LYS A 311 -20.96 -33.57 -5.07
N SER A 312 -19.88 -33.69 -5.84
CA SER A 312 -19.93 -33.76 -7.29
C SER A 312 -19.08 -34.92 -7.80
N ASP A 313 -19.31 -35.32 -9.05
CA ASP A 313 -18.53 -36.37 -9.68
C ASP A 313 -17.29 -35.84 -10.40
N CYS A 314 -17.19 -34.51 -10.52
CA CYS A 314 -16.01 -33.86 -11.07
C CYS A 314 -15.90 -32.42 -10.57
N LYS B 12 5.36 19.86 20.34
CA LYS B 12 5.51 18.89 19.22
C LYS B 12 4.23 18.80 18.38
N PRO B 13 4.36 18.47 17.09
CA PRO B 13 3.17 18.30 16.26
C PRO B 13 2.49 16.96 16.51
N ASN B 14 1.27 16.80 16.01
CA ASN B 14 0.53 15.56 16.17
C ASN B 14 -0.05 15.07 14.84
N TYR B 15 0.79 15.04 13.81
CA TYR B 15 0.38 14.56 12.50
C TYR B 15 -0.18 13.14 12.60
N ALA B 16 -1.38 12.97 12.07
CA ALA B 16 -2.06 11.67 12.04
C ALA B 16 -2.56 11.43 10.63
N LEU B 17 -2.60 10.16 10.24
CA LEU B 17 -3.02 9.78 8.88
C LEU B 17 -4.51 10.04 8.67
N LYS B 18 -4.83 10.71 7.57
CA LYS B 18 -6.22 11.01 7.21
C LYS B 18 -6.67 10.35 5.91
N PHE B 19 -5.80 10.30 4.90
CA PHE B 19 -6.16 9.70 3.61
C PHE B 19 -4.97 8.99 2.97
N THR B 20 -5.25 7.88 2.30
CA THR B 20 -4.26 7.18 1.49
C THR B 20 -4.77 7.16 0.05
N LEU B 21 -3.90 7.61 -0.87
CA LEU B 21 -4.25 7.81 -2.27
C LEU B 21 -3.56 6.75 -3.11
N ALA B 22 -4.34 5.87 -3.73
CA ALA B 22 -3.80 4.79 -4.55
C ALA B 22 -4.24 4.99 -5.99
N GLY B 23 -3.34 4.70 -6.93
CA GLY B 23 -3.63 4.88 -8.35
C GLY B 23 -2.44 4.66 -9.26
N HIS B 24 -1.28 5.19 -8.87
CA HIS B 24 -0.05 4.93 -9.61
C HIS B 24 0.29 3.43 -9.57
N THR B 25 0.75 2.89 -10.70
CA THR B 25 1.06 1.47 -10.83
C THR B 25 2.56 1.17 -10.74
N LYS B 26 3.36 2.22 -10.57
CA LYS B 26 4.80 2.09 -10.34
C LYS B 26 5.18 3.07 -9.25
N ALA B 27 6.44 3.00 -8.81
CA ALA B 27 6.95 3.92 -7.79
C ALA B 27 6.55 5.37 -8.04
N VAL B 28 6.09 6.05 -6.99
CA VAL B 28 5.85 7.49 -7.06
C VAL B 28 7.22 8.15 -6.91
N SER B 29 7.42 9.28 -7.61
CA SER B 29 8.70 9.99 -7.55
C SER B 29 8.62 11.33 -6.81
N SER B 30 7.51 12.04 -6.92
CA SER B 30 7.40 13.39 -6.36
C SER B 30 5.95 13.78 -6.15
N VAL B 31 5.67 14.42 -5.01
CA VAL B 31 4.36 15.04 -4.76
C VAL B 31 4.54 16.51 -4.39
N LYS B 32 3.63 17.35 -4.88
CA LYS B 32 3.70 18.81 -4.67
C LYS B 32 2.30 19.39 -4.52
N PHE B 33 2.10 20.24 -3.52
CA PHE B 33 0.84 20.96 -3.35
C PHE B 33 0.82 22.16 -4.27
N SER B 34 -0.33 22.45 -4.87
CA SER B 34 -0.48 23.68 -5.65
C SER B 34 -0.35 24.89 -4.72
N PRO B 35 0.24 25.99 -5.22
CA PRO B 35 0.37 27.18 -4.38
C PRO B 35 -0.93 27.70 -3.77
N ASN B 36 -2.05 27.52 -4.49
CA ASN B 36 -3.37 27.93 -3.97
C ASN B 36 -3.94 26.95 -2.94
N GLY B 37 -3.25 25.82 -2.72
CA GLY B 37 -3.61 24.88 -1.67
C GLY B 37 -4.72 23.90 -2.01
N GLU B 38 -5.25 24.00 -3.23
CA GLU B 38 -6.42 23.22 -3.62
C GLU B 38 -6.07 21.80 -4.04
N TRP B 39 -4.88 21.62 -4.63
CA TRP B 39 -4.53 20.36 -5.28
C TRP B 39 -3.21 19.79 -4.82
N LEU B 40 -3.09 18.46 -4.97
CA LEU B 40 -1.81 17.78 -4.88
C LEU B 40 -1.52 17.15 -6.24
N ALA B 41 -0.33 17.39 -6.78
CA ALA B 41 0.13 16.73 -7.98
C ALA B 41 1.12 15.64 -7.61
N SER B 42 1.06 14.50 -8.30
CA SER B 42 2.01 13.42 -8.12
C SER B 42 2.58 12.98 -9.45
N SER B 43 3.86 12.62 -9.46
CA SER B 43 4.51 12.04 -10.63
C SER B 43 5.04 10.66 -10.29
N SER B 44 5.24 9.84 -11.31
CA SER B 44 5.59 8.45 -11.09
C SER B 44 6.40 7.85 -12.23
N ALA B 45 7.08 6.75 -11.92
CA ALA B 45 7.75 5.93 -12.92
C ALA B 45 6.77 5.34 -13.93
N ASP B 46 5.47 5.31 -13.61
CA ASP B 46 4.45 4.86 -14.57
C ASP B 46 4.15 5.88 -15.68
N LYS B 47 4.94 6.96 -15.75
CA LYS B 47 4.87 7.95 -16.84
C LYS B 47 3.66 8.89 -16.72
N LEU B 48 2.99 8.88 -15.57
CA LEU B 48 1.79 9.68 -15.38
C LEU B 48 1.96 10.76 -14.33
N ILE B 49 1.24 11.86 -14.53
CA ILE B 49 0.96 12.84 -13.48
C ILE B 49 -0.49 12.62 -13.06
N LYS B 50 -0.73 12.64 -11.75
CA LYS B 50 -2.10 12.60 -11.23
C LYS B 50 -2.35 13.79 -10.32
N ILE B 51 -3.57 14.29 -10.37
CA ILE B 51 -4.01 15.44 -9.58
C ILE B 51 -5.05 14.95 -8.58
N TRP B 52 -4.88 15.33 -7.32
CA TRP B 52 -5.77 14.92 -6.25
C TRP B 52 -6.19 16.15 -5.44
N GLY B 53 -7.35 16.08 -4.80
CA GLY B 53 -7.76 17.12 -3.87
C GLY B 53 -6.82 17.17 -2.69
N ALA B 54 -6.34 18.36 -2.35
CA ALA B 54 -5.34 18.51 -1.29
C ALA B 54 -5.86 18.20 0.12
N TYR B 55 -7.17 18.39 0.32
CA TYR B 55 -7.77 18.27 1.65
C TYR B 55 -8.42 16.92 1.92
N ASP B 56 -8.94 16.27 0.88
CA ASP B 56 -9.60 14.97 1.02
C ASP B 56 -8.98 13.84 0.17
N GLY B 57 -7.94 14.16 -0.60
CA GLY B 57 -7.29 13.17 -1.46
C GLY B 57 -8.14 12.66 -2.62
N LYS B 58 -9.25 13.33 -2.92
CA LYS B 58 -10.15 12.87 -3.98
C LYS B 58 -9.45 12.98 -5.33
N PHE B 59 -9.41 11.86 -6.06
CA PHE B 59 -8.77 11.84 -7.37
C PHE B 59 -9.49 12.77 -8.34
N GLU B 60 -8.71 13.59 -9.07
CA GLU B 60 -9.27 14.54 -10.02
C GLU B 60 -9.03 14.11 -11.46
N LYS B 61 -7.76 13.96 -11.84
CA LYS B 61 -7.41 13.62 -13.22
C LYS B 61 -6.01 13.06 -13.38
N THR B 62 -5.79 12.43 -14.53
CA THR B 62 -4.47 11.98 -14.94
C THR B 62 -4.03 12.81 -16.14
N ILE B 63 -2.73 13.05 -16.24
CA ILE B 63 -2.13 13.73 -17.38
C ILE B 63 -0.95 12.88 -17.85
N SER B 64 -0.86 12.64 -19.15
CA SER B 64 0.19 11.77 -19.70
C SER B 64 0.71 12.27 -21.05
N GLY B 65 1.83 11.70 -21.47
CA GLY B 65 2.47 12.09 -22.72
C GLY B 65 3.95 11.78 -22.83
N HIS B 66 4.65 11.77 -21.70
CA HIS B 66 6.07 11.40 -21.68
C HIS B 66 6.26 9.97 -22.19
N LYS B 67 7.35 9.74 -22.90
CA LYS B 67 7.68 8.40 -23.43
C LYS B 67 8.28 7.47 -22.38
N LEU B 68 8.90 8.06 -21.35
CA LEU B 68 9.42 7.31 -20.22
C LEU B 68 8.90 7.92 -18.92
N GLY B 69 9.32 7.37 -17.78
CA GLY B 69 8.82 7.79 -16.48
C GLY B 69 9.26 9.18 -16.06
N ILE B 70 8.68 9.65 -14.97
CA ILE B 70 8.87 11.02 -14.51
C ILE B 70 9.51 11.01 -13.13
N SER B 71 10.54 11.84 -12.96
CA SER B 71 11.27 11.95 -11.67
C SER B 71 10.84 13.15 -10.82
N ASP B 72 10.19 14.13 -11.42
CA ASP B 72 9.81 15.33 -10.68
C ASP B 72 8.69 16.08 -11.38
N VAL B 73 7.93 16.84 -10.60
CA VAL B 73 6.85 17.67 -11.11
C VAL B 73 6.82 18.94 -10.26
N ALA B 74 6.35 20.06 -10.84
CA ALA B 74 6.28 21.32 -10.12
C ALA B 74 5.18 22.23 -10.68
N TRP B 75 4.63 23.08 -9.81
CA TRP B 75 3.52 23.98 -10.13
C TRP B 75 4.00 25.39 -10.46
N SER B 76 3.31 26.04 -11.40
CA SER B 76 3.46 27.48 -11.58
C SER B 76 2.79 28.22 -10.42
N SER B 77 3.18 29.47 -10.22
CA SER B 77 2.70 30.25 -9.07
C SER B 77 1.17 30.46 -9.05
N ASP B 78 0.55 30.52 -10.23
CA ASP B 78 -0.91 30.67 -10.32
C ASP B 78 -1.68 29.33 -10.26
N SER B 79 -0.96 28.23 -10.05
CA SER B 79 -1.55 26.88 -9.97
C SER B 79 -2.19 26.39 -11.27
N ASN B 80 -1.88 27.05 -12.38
CA ASN B 80 -2.50 26.71 -13.67
C ASN B 80 -1.64 25.83 -14.58
N LEU B 81 -0.32 25.80 -14.34
CA LEU B 81 0.59 24.98 -15.11
C LEU B 81 1.37 24.01 -14.24
N LEU B 82 1.74 22.87 -14.83
CA LEU B 82 2.71 21.95 -14.25
C LEU B 82 3.88 21.81 -15.20
N VAL B 83 5.05 21.48 -14.65
CA VAL B 83 6.19 21.05 -15.45
C VAL B 83 6.67 19.70 -14.90
N SER B 84 7.08 18.80 -15.79
CA SER B 84 7.54 17.47 -15.40
C SER B 84 8.92 17.22 -15.98
N ALA B 85 9.72 16.41 -15.28
CA ALA B 85 11.08 16.05 -15.71
C ALA B 85 11.14 14.54 -15.88
N SER B 86 11.60 14.09 -17.06
CA SER B 86 11.47 12.67 -17.44
C SER B 86 12.78 12.02 -17.88
N ASP B 87 12.82 10.69 -17.77
CA ASP B 87 13.92 9.88 -18.30
C ASP B 87 14.02 9.97 -19.83
N ASP B 88 12.97 10.45 -20.50
CA ASP B 88 13.02 10.64 -21.97
C ASP B 88 13.84 11.88 -22.39
N LYS B 89 14.54 12.49 -21.43
CA LYS B 89 15.47 13.61 -21.66
C LYS B 89 14.76 14.95 -21.85
N THR B 90 13.44 14.99 -21.68
CA THR B 90 12.70 16.22 -21.87
C THR B 90 11.99 16.65 -20.60
N LEU B 91 11.61 17.91 -20.55
CA LEU B 91 10.57 18.37 -19.65
C LEU B 91 9.34 18.68 -20.49
N LYS B 92 8.17 18.60 -19.86
CA LYS B 92 6.93 19.01 -20.51
C LYS B 92 6.17 20.00 -19.63
N ILE B 93 5.62 21.03 -20.27
CA ILE B 93 4.77 22.01 -19.61
C ILE B 93 3.33 21.64 -19.90
N TRP B 94 2.51 21.55 -18.86
CA TRP B 94 1.13 21.08 -18.98
C TRP B 94 0.15 22.14 -18.54
N ASP B 95 -0.94 22.27 -19.29
CA ASP B 95 -2.09 23.04 -18.82
C ASP B 95 -2.91 22.10 -17.94
N VAL B 96 -3.07 22.45 -16.66
CA VAL B 96 -3.72 21.57 -15.69
C VAL B 96 -5.21 21.41 -15.97
N SER B 97 -5.85 22.48 -16.42
CA SER B 97 -7.29 22.47 -16.69
C SER B 97 -7.66 21.56 -17.87
N SER B 98 -6.94 21.69 -18.97
CA SER B 98 -7.21 20.90 -20.18
C SER B 98 -6.40 19.60 -20.24
N GLY B 99 -5.27 19.56 -19.53
CA GLY B 99 -4.36 18.42 -19.57
C GLY B 99 -3.41 18.46 -20.75
N LYS B 100 -3.48 19.51 -21.56
CA LYS B 100 -2.71 19.60 -22.80
C LYS B 100 -1.23 19.82 -22.53
N CYS B 101 -0.37 19.14 -23.30
CA CYS B 101 1.06 19.44 -23.30
C CYS B 101 1.29 20.70 -24.11
N LEU B 102 1.60 21.80 -23.42
CA LEU B 102 1.80 23.08 -24.09
C LEU B 102 3.15 23.15 -24.79
N LYS B 103 4.19 22.64 -24.13
CA LYS B 103 5.55 22.69 -24.66
C LYS B 103 6.34 21.46 -24.22
N THR B 104 7.22 20.99 -25.09
CA THR B 104 8.19 19.96 -24.75
C THR B 104 9.58 20.59 -24.79
N LEU B 105 10.26 20.60 -23.65
CA LEU B 105 11.53 21.27 -23.49
C LEU B 105 12.67 20.29 -23.77
N LYS B 106 13.34 20.51 -24.90
CA LYS B 106 14.37 19.60 -25.40
C LYS B 106 15.73 20.27 -25.38
N GLY B 107 16.76 19.51 -24.99
CA GLY B 107 18.11 20.07 -24.89
C GLY B 107 19.04 19.25 -24.02
N HIS B 108 18.53 18.74 -22.90
CA HIS B 108 19.31 17.85 -22.05
C HIS B 108 19.70 16.59 -22.83
N SER B 109 20.87 16.05 -22.53
CA SER B 109 21.39 14.86 -23.22
C SER B 109 21.30 13.59 -22.36
N ASN B 110 20.63 13.68 -21.22
CA ASN B 110 20.42 12.53 -20.34
C ASN B 110 19.15 12.78 -19.52
N TYR B 111 18.82 11.86 -18.63
CA TYR B 111 17.60 11.95 -17.81
C TYR B 111 17.47 13.34 -17.18
N VAL B 112 16.26 13.91 -17.22
CA VAL B 112 15.99 15.13 -16.48
C VAL B 112 15.43 14.71 -15.13
N PHE B 113 16.03 15.22 -14.06
CA PHE B 113 15.83 14.69 -12.71
C PHE B 113 14.97 15.58 -11.81
N CYS B 114 15.10 16.89 -11.98
CA CYS B 114 14.50 17.86 -11.08
C CYS B 114 14.09 19.11 -11.84
N CYS B 115 13.05 19.79 -11.36
CA CYS B 115 12.51 20.96 -12.04
C CYS B 115 11.71 21.87 -11.12
N ASN B 116 11.61 23.14 -11.51
CA ASN B 116 10.88 24.15 -10.75
C ASN B 116 10.62 25.40 -11.58
N PHE B 117 9.47 26.03 -11.35
CA PHE B 117 9.20 27.37 -11.86
C PHE B 117 9.83 28.40 -10.93
N ASN B 118 10.12 29.59 -11.46
CA ASN B 118 10.42 30.74 -10.60
C ASN B 118 9.10 31.35 -10.13
N PRO B 119 9.14 32.22 -9.10
CA PRO B 119 7.91 32.83 -8.57
C PRO B 119 7.06 33.57 -9.62
N GLN B 120 7.70 34.33 -10.50
CA GLN B 120 7.00 34.97 -11.62
C GLN B 120 6.42 33.92 -12.58
N SER B 121 7.07 32.76 -12.63
CA SER B 121 6.66 31.61 -13.45
C SER B 121 6.76 31.88 -14.96
N ASN B 122 7.65 32.79 -15.33
CA ASN B 122 8.05 32.96 -16.73
C ASN B 122 9.25 32.07 -17.07
N LEU B 123 9.88 31.51 -16.04
CA LEU B 123 11.04 30.63 -16.24
C LEU B 123 10.85 29.27 -15.57
N ILE B 124 11.52 28.28 -16.14
CA ILE B 124 11.67 26.97 -15.50
C ILE B 124 13.16 26.69 -15.38
N VAL B 125 13.56 26.10 -14.26
CA VAL B 125 14.92 25.59 -14.09
C VAL B 125 14.85 24.07 -14.03
N SER B 126 15.85 23.42 -14.62
CA SER B 126 15.92 21.96 -14.61
C SER B 126 17.34 21.48 -14.30
N GLY B 127 17.44 20.29 -13.73
CA GLY B 127 18.72 19.63 -13.51
C GLY B 127 18.65 18.24 -14.10
N SER B 128 19.80 17.75 -14.57
CA SER B 128 19.85 16.51 -15.34
C SER B 128 21.07 15.65 -15.02
N PHE B 129 20.98 14.38 -15.39
CA PHE B 129 22.12 13.47 -15.31
C PHE B 129 23.25 13.88 -16.25
N ASP B 130 22.96 14.75 -17.23
CA ASP B 130 24.00 15.31 -18.08
C ASP B 130 24.86 16.37 -17.36
N GLU B 131 24.59 16.59 -16.07
CA GLU B 131 25.43 17.39 -15.17
C GLU B 131 25.24 18.90 -15.36
N SER B 132 24.24 19.30 -16.15
CA SER B 132 23.96 20.70 -16.42
C SER B 132 22.70 21.16 -15.71
N VAL B 133 22.60 22.47 -15.52
CA VAL B 133 21.37 23.14 -15.13
C VAL B 133 20.93 23.98 -16.33
N ARG B 134 19.66 23.89 -16.69
CA ARG B 134 19.13 24.69 -17.80
C ARG B 134 18.02 25.61 -17.30
N ILE B 135 17.93 26.78 -17.92
CA ILE B 135 16.89 27.75 -17.64
C ILE B 135 16.08 27.93 -18.92
N TRP B 136 14.76 27.75 -18.81
CA TRP B 136 13.87 27.70 -19.96
C TRP B 136 12.84 28.82 -19.94
N ASP B 137 12.48 29.30 -21.13
CA ASP B 137 11.39 30.27 -21.29
C ASP B 137 10.07 29.50 -21.32
N VAL B 138 9.21 29.74 -20.33
CA VAL B 138 7.93 29.03 -20.20
C VAL B 138 7.02 29.23 -21.42
N LYS B 139 6.99 30.45 -21.93
CA LYS B 139 6.07 30.81 -23.01
C LYS B 139 6.49 30.28 -24.38
N THR B 140 7.79 30.25 -24.66
CA THR B 140 8.30 29.76 -25.94
C THR B 140 8.81 28.31 -25.89
N GLY B 141 9.14 27.83 -24.69
CA GLY B 141 9.75 26.53 -24.52
C GLY B 141 11.23 26.45 -24.91
N LYS B 142 11.83 27.60 -25.20
CA LYS B 142 13.24 27.66 -25.61
C LYS B 142 14.15 27.61 -24.40
N CYS B 143 15.32 26.99 -24.57
CA CYS B 143 16.36 27.05 -23.55
C CYS B 143 17.05 28.40 -23.63
N LEU B 144 17.07 29.14 -22.51
CA LEU B 144 17.70 30.45 -22.46
C LEU B 144 19.17 30.37 -22.07
N LYS B 145 19.47 29.52 -21.08
CA LYS B 145 20.85 29.31 -20.64
C LYS B 145 21.11 27.86 -20.28
N THR B 146 22.34 27.42 -20.51
CA THR B 146 22.82 26.12 -20.04
C THR B 146 24.03 26.37 -19.16
N LEU B 147 23.92 26.00 -17.89
CA LEU B 147 24.99 26.22 -16.93
C LEU B 147 25.81 24.94 -16.78
N PRO B 148 27.14 25.03 -16.89
CA PRO B 148 28.00 23.87 -16.67
C PRO B 148 28.14 23.64 -15.15
N ALA B 149 27.03 23.29 -14.53
CA ALA B 149 26.85 23.50 -13.09
C ALA B 149 27.69 22.57 -12.22
N HIS B 150 27.82 21.33 -12.64
CA HIS B 150 28.41 20.28 -11.79
C HIS B 150 29.20 19.26 -12.60
N SER B 151 29.88 18.36 -11.89
CA SER B 151 30.66 17.30 -12.52
C SER B 151 30.05 15.91 -12.27
N ASP B 152 28.77 15.90 -11.92
CA ASP B 152 28.01 14.68 -11.66
C ASP B 152 26.52 15.04 -11.78
N PRO B 153 25.62 14.03 -11.74
CA PRO B 153 24.20 14.33 -11.87
C PRO B 153 23.69 15.42 -10.92
N VAL B 154 22.81 16.27 -11.44
CA VAL B 154 22.21 17.36 -10.66
C VAL B 154 20.94 16.86 -10.01
N SER B 155 20.96 16.77 -8.68
CA SER B 155 19.87 16.15 -7.92
C SER B 155 18.69 17.08 -7.60
N ALA B 156 18.93 18.39 -7.56
CA ALA B 156 17.86 19.35 -7.24
C ALA B 156 18.17 20.74 -7.74
N VAL B 157 17.12 21.49 -8.09
CA VAL B 157 17.21 22.89 -8.48
C VAL B 157 16.02 23.65 -7.91
N HIS B 158 16.24 24.88 -7.45
CA HIS B 158 15.21 25.66 -6.77
C HIS B 158 15.48 27.17 -6.88
N PHE B 159 14.43 27.95 -7.15
CA PHE B 159 14.51 29.40 -7.15
C PHE B 159 14.27 29.95 -5.75
N ASN B 160 14.90 31.07 -5.41
CA ASN B 160 14.62 31.77 -4.16
C ASN B 160 13.33 32.61 -4.28
N ARG B 161 12.99 33.34 -3.22
CA ARG B 161 11.68 33.99 -3.10
C ARG B 161 11.36 35.04 -4.18
N ASP B 162 12.38 35.71 -4.72
CA ASP B 162 12.16 36.70 -5.79
C ASP B 162 12.68 36.25 -7.16
N GLY B 163 13.10 35.00 -7.26
CA GLY B 163 13.57 34.42 -8.52
C GLY B 163 14.95 34.87 -9.00
N SER B 164 15.64 35.67 -8.18
CA SER B 164 16.96 36.21 -8.55
C SER B 164 18.08 35.19 -8.43
N LEU B 165 17.88 34.15 -7.62
CA LEU B 165 18.88 33.11 -7.41
C LEU B 165 18.33 31.71 -7.67
N ILE B 166 19.22 30.84 -8.12
CA ILE B 166 18.96 29.41 -8.24
C ILE B 166 19.95 28.68 -7.34
N VAL B 167 19.47 27.68 -6.61
CA VAL B 167 20.37 26.77 -5.90
C VAL B 167 20.33 25.41 -6.57
N SER B 168 21.49 24.81 -6.78
CA SER B 168 21.60 23.48 -7.35
C SER B 168 22.43 22.57 -6.45
N SER B 169 22.14 21.28 -6.49
CA SER B 169 22.91 20.27 -5.75
C SER B 169 23.27 19.11 -6.68
N SER B 170 24.32 18.38 -6.32
CA SER B 170 24.81 17.30 -7.16
C SER B 170 25.50 16.19 -6.37
N TYR B 171 25.64 15.03 -7.00
CA TYR B 171 26.41 13.93 -6.42
C TYR B 171 27.90 14.25 -6.32
N ASP B 172 28.37 15.29 -7.01
CA ASP B 172 29.75 15.78 -6.84
C ASP B 172 30.02 16.37 -5.44
N GLY B 173 28.97 16.46 -4.62
CA GLY B 173 29.12 16.86 -3.22
C GLY B 173 28.99 18.34 -3.00
N LEU B 174 28.60 19.08 -4.03
CA LEU B 174 28.53 20.53 -3.97
C LEU B 174 27.10 21.04 -4.00
N CYS B 175 26.86 22.14 -3.32
CA CYS B 175 25.71 23.00 -3.58
C CYS B 175 26.25 24.26 -4.21
N ARG B 176 25.55 24.77 -5.23
CA ARG B 176 25.95 26.01 -5.87
C ARG B 176 24.80 26.99 -6.01
N ILE B 177 25.11 28.27 -5.81
CA ILE B 177 24.16 29.37 -5.93
C ILE B 177 24.44 30.12 -7.22
N TRP B 178 23.41 30.33 -8.03
CA TRP B 178 23.54 30.93 -9.36
C TRP B 178 22.71 32.18 -9.50
N ASP B 179 23.28 33.21 -10.14
CA ASP B 179 22.53 34.39 -10.52
C ASP B 179 21.68 34.03 -11.73
N THR B 180 20.35 34.15 -11.58
CA THR B 180 19.43 33.78 -12.65
C THR B 180 19.65 34.61 -13.90
N ALA B 181 19.84 35.91 -13.74
CA ALA B 181 19.94 36.83 -14.87
C ALA B 181 21.18 36.60 -15.73
N SER B 182 22.33 36.39 -15.09
CA SER B 182 23.62 36.25 -15.79
C SER B 182 24.09 34.81 -15.92
N GLY B 183 23.58 33.92 -15.08
CA GLY B 183 24.03 32.53 -15.05
C GLY B 183 25.36 32.33 -14.34
N GLN B 184 25.88 33.37 -13.68
CA GLN B 184 27.15 33.28 -12.97
C GLN B 184 26.98 32.52 -11.65
N CYS B 185 27.94 31.66 -11.34
CA CYS B 185 28.01 31.01 -10.04
C CYS B 185 28.47 32.02 -8.99
N LEU B 186 27.62 32.28 -8.00
CA LEU B 186 27.93 33.25 -6.95
C LEU B 186 28.49 32.61 -5.67
N LYS B 187 28.34 31.28 -5.54
CA LYS B 187 28.77 30.59 -4.34
C LYS B 187 28.88 29.09 -4.59
N THR B 188 29.91 28.47 -4.03
CA THR B 188 30.00 27.01 -3.95
C THR B 188 30.13 26.66 -2.47
N LEU B 189 29.22 25.81 -1.98
CA LEU B 189 29.23 25.41 -0.58
C LEU B 189 30.02 24.14 -0.41
N ILE B 190 31.05 24.22 0.44
CA ILE B 190 31.94 23.10 0.71
C ILE B 190 32.04 22.94 2.23
N ASP B 191 31.77 21.73 2.69
CA ASP B 191 31.76 21.40 4.11
C ASP B 191 33.08 20.75 4.51
N ASN B 194 32.68 15.91 1.60
CA ASN B 194 31.77 16.30 0.53
C ASN B 194 30.98 15.10 -0.03
N PRO B 195 30.13 14.49 0.81
CA PRO B 195 29.32 13.36 0.34
C PRO B 195 28.30 13.83 -0.69
N PRO B 196 27.84 12.93 -1.57
CA PRO B 196 26.83 13.29 -2.57
C PRO B 196 25.66 14.07 -1.97
N VAL B 197 25.33 15.20 -2.57
CA VAL B 197 24.18 16.00 -2.14
C VAL B 197 22.98 15.57 -2.96
N SER B 198 21.96 15.06 -2.27
CA SER B 198 20.81 14.42 -2.90
C SER B 198 19.58 15.32 -3.01
N PHE B 199 19.59 16.45 -2.30
CA PHE B 199 18.49 17.41 -2.38
C PHE B 199 18.90 18.75 -1.80
N VAL B 200 18.32 19.82 -2.33
CA VAL B 200 18.52 21.15 -1.77
C VAL B 200 17.33 22.06 -2.11
N LYS B 201 17.03 22.99 -1.23
CA LYS B 201 16.05 24.05 -1.50
C LYS B 201 16.26 25.24 -0.56
N PHE B 202 15.92 26.43 -1.02
CA PHE B 202 15.85 27.62 -0.18
C PHE B 202 14.75 27.50 0.87
N SER B 203 14.95 28.15 2.01
CA SER B 203 13.89 28.30 3.00
C SER B 203 12.87 29.30 2.45
N PRO B 204 11.60 29.22 2.89
CA PRO B 204 10.63 30.21 2.43
C PRO B 204 11.06 31.65 2.77
N ASN B 205 11.76 31.79 3.90
CA ASN B 205 12.48 33.00 4.29
C ASN B 205 13.42 33.58 3.24
N GLY B 206 14.13 32.70 2.55
CA GLY B 206 15.27 33.08 1.73
C GLY B 206 16.57 33.17 2.54
N LYS B 207 16.49 32.95 3.85
CA LYS B 207 17.66 33.07 4.74
C LYS B 207 18.60 31.88 4.54
N TYR B 208 18.01 30.70 4.41
CA TYR B 208 18.77 29.45 4.43
C TYR B 208 18.59 28.65 3.17
N ILE B 209 19.44 27.64 3.02
CA ILE B 209 19.12 26.51 2.17
C ILE B 209 19.18 25.24 3.03
N LEU B 210 18.32 24.28 2.70
CA LEU B 210 18.31 22.99 3.36
C LEU B 210 18.87 21.97 2.39
N ALA B 211 19.93 21.28 2.79
CA ALA B 211 20.62 20.33 1.91
C ALA B 211 20.65 18.93 2.53
N ALA B 212 20.30 17.93 1.74
CA ALA B 212 20.38 16.54 2.15
C ALA B 212 21.60 15.89 1.50
N THR B 213 22.33 15.10 2.28
CA THR B 213 23.46 14.32 1.75
C THR B 213 23.26 12.85 2.03
N LEU B 214 23.86 11.99 1.20
CA LEU B 214 23.66 10.55 1.29
C LEU B 214 24.54 9.88 2.36
N ASP B 215 24.72 10.58 3.47
CA ASP B 215 25.31 10.02 4.68
C ASP B 215 24.33 10.19 5.84
N ASN B 216 23.03 10.06 5.53
CA ASN B 216 21.97 10.13 6.51
C ASN B 216 21.90 11.47 7.24
N THR B 217 22.14 12.56 6.52
CA THR B 217 22.27 13.88 7.14
C THR B 217 21.55 14.97 6.36
N LEU B 218 20.78 15.79 7.07
CA LEU B 218 20.25 17.04 6.55
C LEU B 218 21.00 18.19 7.21
N LYS B 219 21.26 19.26 6.46
CA LYS B 219 21.99 20.40 6.98
C LYS B 219 21.34 21.73 6.57
N LEU B 220 21.22 22.63 7.55
CA LEU B 220 20.72 23.98 7.31
C LEU B 220 21.92 24.90 7.14
N TRP B 221 22.01 25.58 6.01
CA TRP B 221 23.14 26.44 5.69
C TRP B 221 22.75 27.91 5.61
N ASP B 222 23.62 28.78 6.13
CA ASP B 222 23.63 30.18 5.76
C ASP B 222 24.50 30.25 4.51
N TYR B 223 23.85 30.41 3.35
CA TYR B 223 24.56 30.37 2.06
C TYR B 223 25.32 31.65 1.73
N SER B 224 25.05 32.73 2.46
CA SER B 224 25.82 33.96 2.31
C SER B 224 27.18 33.81 2.99
N LYS B 225 27.17 33.42 4.26
CA LYS B 225 28.39 33.15 5.00
C LYS B 225 29.09 31.88 4.52
N GLY B 226 28.31 30.94 3.97
CA GLY B 226 28.84 29.65 3.57
C GLY B 226 29.13 28.79 4.79
N LYS B 227 28.16 28.75 5.70
CA LYS B 227 28.35 28.14 7.01
C LYS B 227 27.15 27.25 7.37
N CYS B 228 27.45 26.05 7.87
CA CYS B 228 26.41 25.13 8.32
C CYS B 228 25.95 25.54 9.73
N LEU B 229 24.66 25.79 9.87
CA LEU B 229 24.08 26.23 11.15
C LEU B 229 23.58 25.04 11.96
N LYS B 230 22.76 24.21 11.33
CA LYS B 230 22.13 23.06 12.00
C LYS B 230 22.39 21.77 11.23
N THR B 231 22.31 20.65 11.94
CA THR B 231 22.38 19.32 11.35
C THR B 231 21.27 18.44 11.92
N TYR B 232 20.49 17.80 11.04
CA TYR B 232 19.39 16.92 11.46
C TYR B 232 19.69 15.48 11.06
N THR B 233 19.57 14.58 12.02
CA THR B 233 19.92 13.17 11.83
C THR B 233 18.93 12.25 12.54
N GLY B 234 19.10 10.94 12.34
CA GLY B 234 18.23 9.92 12.95
C GLY B 234 17.51 9.12 11.88
N HIS B 235 17.23 9.78 10.76
CA HIS B 235 16.64 9.14 9.58
C HIS B 235 17.66 8.34 8.75
N LYS B 236 17.18 7.64 7.73
CA LYS B 236 18.01 6.83 6.85
C LYS B 236 17.98 7.40 5.44
N ASN B 237 19.15 7.78 4.92
CA ASN B 237 19.25 8.33 3.57
C ASN B 237 20.66 8.16 3.00
N GLU B 238 20.88 7.04 2.32
CA GLU B 238 22.15 6.75 1.65
C GLU B 238 22.01 6.42 0.16
N LYS B 239 20.78 6.30 -0.34
CA LYS B 239 20.55 5.73 -1.67
C LYS B 239 19.68 6.56 -2.62
N TYR B 240 18.76 7.35 -2.08
CA TYR B 240 17.75 8.03 -2.90
C TYR B 240 17.74 9.53 -2.69
N CYS B 241 17.26 10.25 -3.71
CA CYS B 241 17.13 11.70 -3.64
C CYS B 241 15.77 12.04 -3.06
N ILE B 242 15.74 12.08 -1.73
CA ILE B 242 14.51 12.27 -0.98
C ILE B 242 14.27 13.76 -0.74
N PHE B 243 13.04 14.20 -1.00
CA PHE B 243 12.66 15.60 -0.80
C PHE B 243 12.57 15.90 0.69
N ALA B 244 13.01 17.09 1.08
CA ALA B 244 12.85 17.59 2.44
C ALA B 244 12.17 18.94 2.36
N ASN B 245 11.58 19.37 3.47
CA ASN B 245 10.77 20.58 3.49
C ASN B 245 10.93 21.39 4.77
N PHE B 246 10.64 22.68 4.66
CA PHE B 246 10.36 23.53 5.80
C PHE B 246 8.86 23.53 6.01
N SER B 247 8.43 23.21 7.23
CA SER B 247 7.02 23.32 7.61
C SER B 247 6.89 24.52 8.55
N VAL B 248 6.16 25.54 8.09
CA VAL B 248 6.07 26.81 8.82
C VAL B 248 4.64 27.34 9.00
N THR B 249 3.64 26.50 8.74
CA THR B 249 2.24 26.89 8.91
C THR B 249 1.80 26.88 10.37
N GLY B 250 2.42 26.00 11.17
CA GLY B 250 2.19 25.95 12.61
C GLY B 250 3.50 26.18 13.34
N GLY B 251 3.98 25.16 14.02
CA GLY B 251 5.34 25.17 14.57
C GLY B 251 6.36 25.08 13.45
N LYS B 252 7.61 25.39 13.76
CA LYS B 252 8.67 25.39 12.74
C LYS B 252 9.38 24.05 12.72
N TRP B 253 9.09 23.24 11.70
CA TRP B 253 9.64 21.89 11.59
C TRP B 253 10.45 21.70 10.30
N ILE B 254 11.32 20.70 10.33
CA ILE B 254 11.93 20.15 9.13
C ILE B 254 11.23 18.80 8.90
N VAL B 255 10.81 18.56 7.66
CA VAL B 255 10.11 17.33 7.30
C VAL B 255 10.88 16.63 6.18
N SER B 256 11.06 15.31 6.30
CA SER B 256 11.72 14.54 5.26
C SER B 256 11.25 13.09 5.23
N GLY B 257 11.36 12.49 4.05
CA GLY B 257 11.19 11.05 3.91
C GLY B 257 12.43 10.33 4.43
N SER B 258 12.38 9.00 4.38
CA SER B 258 13.47 8.16 4.89
C SER B 258 13.39 6.76 4.28
N GLU B 259 14.54 6.10 4.22
CA GLU B 259 14.64 4.77 3.62
C GLU B 259 14.23 3.65 4.58
N ASP B 260 13.84 4.00 5.80
CA ASP B 260 13.19 3.06 6.72
C ASP B 260 11.66 3.20 6.70
N ASN B 261 11.14 3.81 5.64
CA ASN B 261 9.69 3.88 5.37
C ASN B 261 8.91 4.88 6.22
N LEU B 262 9.60 5.73 6.99
CA LEU B 262 8.96 6.68 7.88
C LEU B 262 9.10 8.12 7.38
N VAL B 263 8.14 8.97 7.75
CA VAL B 263 8.28 10.42 7.60
C VAL B 263 8.87 10.94 8.91
N TYR B 264 10.00 11.64 8.81
CA TYR B 264 10.64 12.24 9.98
C TYR B 264 10.28 13.71 10.08
N ILE B 265 9.98 14.17 11.30
CA ILE B 265 9.73 15.58 11.57
C ILE B 265 10.66 16.02 12.70
N TRP B 266 11.48 17.04 12.42
CA TRP B 266 12.39 17.60 13.41
C TRP B 266 11.93 18.98 13.86
N ASN B 267 12.29 19.35 15.09
CA ASN B 267 12.21 20.72 15.55
C ASN B 267 13.33 21.50 14.86
N LEU B 268 12.96 22.54 14.11
CA LEU B 268 13.93 23.29 13.30
C LEU B 268 15.03 23.90 14.16
N GLN B 269 14.63 24.51 15.27
CA GLN B 269 15.56 25.18 16.17
C GLN B 269 16.46 24.21 16.94
N THR B 270 15.83 23.26 17.62
CA THR B 270 16.53 22.38 18.56
C THR B 270 17.10 21.13 17.89
N LYS B 271 16.58 20.79 16.71
CA LYS B 271 17.02 19.63 15.92
C LYS B 271 16.56 18.29 16.50
N GLU B 272 15.67 18.32 17.49
CA GLU B 272 15.15 17.11 18.09
C GLU B 272 14.10 16.51 17.17
N ILE B 273 14.12 15.19 17.02
CA ILE B 273 13.04 14.50 16.31
C ILE B 273 11.79 14.61 17.16
N VAL B 274 10.73 15.16 16.59
CA VAL B 274 9.47 15.36 17.31
C VAL B 274 8.35 14.40 16.87
N GLN B 275 8.48 13.83 15.67
CA GLN B 275 7.53 12.83 15.19
C GLN B 275 8.12 11.93 14.12
N LYS B 276 7.71 10.67 14.14
CA LYS B 276 7.99 9.71 13.08
C LYS B 276 6.67 9.10 12.65
N LEU B 277 6.28 9.34 11.40
CA LEU B 277 4.97 8.91 10.91
C LEU B 277 5.09 7.55 10.23
N GLN B 278 4.38 6.55 10.77
CA GLN B 278 4.43 5.18 10.25
C GLN B 278 3.20 4.88 9.42
N GLY B 279 3.39 4.17 8.31
CA GLY B 279 2.30 3.83 7.41
C GLY B 279 2.76 3.30 6.06
N HIS B 280 3.75 3.96 5.47
CA HIS B 280 4.29 3.48 4.20
C HIS B 280 5.02 2.16 4.37
N THR B 281 5.10 1.40 3.29
CA THR B 281 5.72 0.08 3.29
C THR B 281 6.95 0.02 2.38
N ASP B 282 7.42 1.19 1.95
CA ASP B 282 8.65 1.30 1.17
C ASP B 282 9.23 2.69 1.39
N VAL B 283 10.41 2.92 0.85
CA VAL B 283 11.11 4.21 0.98
C VAL B 283 10.16 5.37 0.71
N VAL B 284 10.14 6.33 1.62
CA VAL B 284 9.36 7.56 1.43
C VAL B 284 10.26 8.52 0.64
N ILE B 285 10.05 8.54 -0.68
CA ILE B 285 10.88 9.32 -1.60
C ILE B 285 10.56 10.81 -1.57
N SER B 286 9.32 11.15 -1.25
CA SER B 286 8.87 12.52 -1.36
C SER B 286 7.93 12.89 -0.22
N THR B 287 8.14 14.08 0.31
CA THR B 287 7.21 14.73 1.22
C THR B 287 6.97 16.15 0.73
N ALA B 288 5.78 16.68 1.04
CA ALA B 288 5.43 18.06 0.71
C ALA B 288 4.62 18.64 1.85
N CYS B 289 4.78 19.95 2.07
CA CYS B 289 4.05 20.66 3.12
C CYS B 289 3.08 21.65 2.50
N HIS B 290 1.83 21.60 2.96
CA HIS B 290 0.75 22.43 2.42
C HIS B 290 1.03 23.92 2.71
N PRO B 291 0.69 24.81 1.76
CA PRO B 291 1.06 26.22 1.92
C PRO B 291 0.40 26.99 3.09
N THR B 292 -0.88 26.71 3.34
CA THR B 292 -1.65 27.44 4.36
C THR B 292 -2.15 26.61 5.56
N GLU B 293 -1.94 25.29 5.53
CA GLU B 293 -2.52 24.38 6.52
C GLU B 293 -1.48 23.39 7.00
N ASN B 294 -1.68 22.84 8.20
CA ASN B 294 -0.76 21.85 8.76
C ASN B 294 -1.05 20.48 8.16
N ILE B 295 -0.67 20.31 6.90
CA ILE B 295 -0.92 19.07 6.16
C ILE B 295 0.37 18.66 5.44
N ILE B 296 0.75 17.40 5.63
CA ILE B 296 1.89 16.82 4.93
C ILE B 296 1.39 15.78 3.93
N ALA B 297 1.91 15.83 2.71
CA ALA B 297 1.73 14.74 1.76
C ALA B 297 3.03 13.96 1.70
N SER B 298 2.92 12.64 1.65
CA SER B 298 4.09 11.77 1.50
C SER B 298 3.82 10.70 0.44
N ALA B 299 4.89 10.22 -0.19
CA ALA B 299 4.76 9.19 -1.23
C ALA B 299 5.93 8.23 -1.22
N ALA B 300 5.69 7.01 -1.64
CA ALA B 300 6.66 5.92 -1.51
C ALA B 300 6.97 5.20 -2.83
N LEU B 301 8.05 4.41 -2.79
CA LEU B 301 8.59 3.74 -3.96
C LEU B 301 7.84 2.44 -4.33
N GLU B 302 8.44 1.65 -5.22
CA GLU B 302 7.79 0.57 -5.97
C GLU B 302 6.95 -0.43 -5.16
N ASN B 303 7.42 -0.80 -3.97
CA ASN B 303 6.72 -1.82 -3.18
C ASN B 303 5.48 -1.28 -2.45
N ASP B 304 5.25 0.03 -2.53
CA ASP B 304 4.12 0.68 -1.86
C ASP B 304 3.27 1.42 -2.88
N LYS B 305 3.84 2.46 -3.49
CA LYS B 305 3.20 3.24 -4.57
C LYS B 305 2.02 4.11 -4.14
N THR B 306 1.75 4.21 -2.84
CA THR B 306 0.66 5.05 -2.36
C THR B 306 1.16 6.40 -1.86
N ILE B 307 0.23 7.35 -1.83
CA ILE B 307 0.47 8.69 -1.34
C ILE B 307 -0.39 8.86 -0.10
N LYS B 308 0.14 9.54 0.92
CA LYS B 308 -0.59 9.71 2.17
C LYS B 308 -0.70 11.17 2.57
N LEU B 309 -1.86 11.53 3.11
CA LEU B 309 -2.11 12.87 3.65
C LEU B 309 -2.21 12.78 5.17
N TRP B 310 -1.35 13.55 5.85
CA TRP B 310 -1.31 13.59 7.31
C TRP B 310 -1.65 15.01 7.75
N LYS B 311 -2.40 15.14 8.85
CA LYS B 311 -2.81 16.45 9.35
C LYS B 311 -2.52 16.61 10.84
N SER B 312 -2.16 17.84 11.22
CA SER B 312 -1.79 18.17 12.59
C SER B 312 -2.53 19.42 13.05
N ASP B 313 -2.60 19.61 14.36
CA ASP B 313 -3.18 20.81 14.95
C ASP B 313 -2.16 21.94 15.07
N CYS B 314 -0.88 21.61 14.93
CA CYS B 314 0.20 22.60 14.95
C CYS B 314 1.41 22.11 14.16
N GLY C 2 8.89 -1.91 -20.86
CA GLY C 2 10.12 -1.33 -20.25
C GLY C 2 10.25 0.18 -20.26
N THR C 3 9.15 0.90 -20.46
CA THR C 3 9.17 2.36 -20.55
C THR C 3 8.86 3.02 -19.22
N CYS C 4 8.40 2.24 -18.24
CA CYS C 4 8.02 2.79 -16.94
C CYS C 4 9.21 2.87 -16.00
N VAL C 5 10.11 3.80 -16.32
CA VAL C 5 11.36 3.98 -15.58
C VAL C 5 11.58 5.46 -15.29
N ALA C 6 12.05 5.76 -14.08
CA ALA C 6 12.37 7.12 -13.67
C ALA C 6 13.60 7.10 -12.76
N ALA C 7 14.57 7.96 -13.07
CA ALA C 7 15.85 7.97 -12.36
C ALA C 7 15.72 8.11 -10.84
N ARG C 8 14.80 8.95 -10.38
CA ARG C 8 14.65 9.18 -8.95
C ARG C 8 14.18 7.94 -8.18
N THR C 9 13.49 7.03 -8.87
CA THR C 9 12.99 5.82 -8.20
C THR C 9 13.99 4.67 -8.18
N ARG C 10 15.19 4.88 -8.74
CA ARG C 10 16.29 3.92 -8.70
C ARG C 10 17.36 4.41 -7.71
N PRO C 11 18.03 3.48 -7.01
CA PRO C 11 19.03 3.87 -6.02
C PRO C 11 20.34 4.30 -6.68
N VAL C 12 21.12 5.13 -5.99
CA VAL C 12 22.44 5.51 -6.50
C VAL C 12 23.33 4.28 -6.60
N LEU C 13 24.12 4.21 -7.66
CA LEU C 13 24.99 3.07 -7.91
C LEU C 13 26.45 3.45 -7.73
N SER C 14 26.88 3.48 -6.46
CA SER C 14 28.26 3.79 -6.10
C SER C 14 28.96 2.52 -5.63
N TYR C 15 29.98 2.10 -6.40
CA TYR C 15 30.72 0.87 -6.09
C TYR C 15 32.08 0.87 -6.76
N GLY D 2 -25.36 -10.28 24.70
CA GLY D 2 -24.52 -9.22 24.07
C GLY D 2 -23.13 -9.62 23.60
N THR D 3 -22.62 -10.76 24.09
CA THR D 3 -21.27 -11.20 23.75
C THR D 3 -21.19 -11.99 22.45
N CYS D 4 -22.33 -12.38 21.90
CA CYS D 4 -22.34 -13.21 20.69
C CYS D 4 -22.26 -12.34 19.43
N VAL D 5 -21.09 -11.75 19.22
CA VAL D 5 -20.84 -10.83 18.11
C VAL D 5 -19.52 -11.18 17.43
N ALA D 6 -19.50 -11.08 16.10
CA ALA D 6 -18.30 -11.32 15.30
C ALA D 6 -18.28 -10.43 14.07
N ALA D 7 -17.16 -9.77 13.84
CA ALA D 7 -17.06 -8.75 12.79
C ALA D 7 -17.44 -9.28 11.41
N ARG D 8 -17.04 -10.52 11.08
CA ARG D 8 -17.31 -11.06 9.74
C ARG D 8 -18.81 -11.23 9.47
N THR D 9 -19.62 -11.39 10.52
CA THR D 9 -21.05 -11.63 10.36
C THR D 9 -21.87 -10.33 10.27
N ARG D 10 -21.20 -9.18 10.37
CA ARG D 10 -21.81 -7.87 10.21
C ARG D 10 -21.38 -7.25 8.89
N PRO D 11 -22.28 -6.50 8.22
CA PRO D 11 -21.93 -5.90 6.92
C PRO D 11 -20.99 -4.71 7.06
N VAL D 12 -20.25 -4.40 5.99
CA VAL D 12 -19.39 -3.21 5.99
C VAL D 12 -20.26 -1.96 6.08
N LEU D 13 -19.75 -0.97 6.81
CA LEU D 13 -20.47 0.29 7.00
C LEU D 13 -19.74 1.42 6.27
N SER D 14 -20.08 1.58 4.99
CA SER D 14 -19.50 2.62 4.14
C SER D 14 -20.57 3.63 3.76
N TYR D 15 -20.43 4.86 4.26
CA TYR D 15 -21.40 5.92 4.03
C TYR D 15 -20.75 7.28 4.27
#